data_8T0O
#
_entry.id   8T0O
#
_cell.length_a   111.358
_cell.length_b   111.358
_cell.length_c   79.156
_cell.angle_alpha   90.00
_cell.angle_beta   90.00
_cell.angle_gamma   120.00
#
_symmetry.space_group_name_H-M   'P 31 2 1'
#
loop_
_entity.id
_entity.type
_entity.pdbx_description
1 polymer 'RB2AT_87 Fab Light chain'
2 polymer 'RB2AT_87 Fab Heavy chain'
3 non-polymer 'CHLORIDE ION'
4 water water
#
loop_
_entity_poly.entity_id
_entity_poly.type
_entity_poly.pdbx_seq_one_letter_code
_entity_poly.pdbx_strand_id
1 'polypeptide(L)'
;ELDMTQTPASVEAAVGGTVTIKCQASQSIYSYLAWYQQEPGQPPKRLIYKASTLASGVPPRFKGSGSGTEFTLTISDLEC
ADAATYYCQSNLYSINSDYGAAFGGGTEVVVKRTVAAPSVFIFPPSDEQLKSGTASVVCLLNNFYPREAKVQWKVDNALQ
SGNSQESVTEQDSKDSTYSLSSTLTLSKADYEKHKVYACEVTHQGLSSPVTKSFNRG
;
L
2 'polypeptide(L)'
;QSVKESEGGLFKPTDTLTLTCTVSGFSLSSNAISWVRQAPGNGLEWIGTIGGSGNTYYASWAKSRSTITRNTNENTVTLK
MTSLTAADTATYFCARDSATTDSNIWGPGTLVTVSSASTKGPSVFPLAPSSKSTSGGTAALGCLVKDYFPEPVTVSWNSG
ALTSGVHTFPAVLQSSGLYSLSSVVTVPSSSLGTQTYICNVNHKPSNTKVDKKVEPK
;
H
#
loop_
_chem_comp.id
_chem_comp.type
_chem_comp.name
_chem_comp.formula
CL non-polymer 'CHLORIDE ION' 'Cl -1'
#
# COMPACT_ATOMS: atom_id res chain seq x y z
N GLU A 1 13.35 -26.68 -6.31
CA GLU A 1 12.92 -25.28 -6.07
C GLU A 1 11.62 -25.23 -5.26
N LEU A 2 11.62 -24.41 -4.21
CA LEU A 2 10.51 -24.38 -3.28
C LEU A 2 9.47 -23.33 -3.66
N ASP A 3 8.20 -23.73 -3.58
CA ASP A 3 7.06 -22.92 -3.95
C ASP A 3 6.00 -23.03 -2.86
N MET A 4 5.36 -21.91 -2.51
CA MET A 4 4.40 -21.87 -1.42
C MET A 4 3.06 -21.42 -1.98
N THR A 5 2.11 -22.34 -2.03
CA THR A 5 0.78 -22.09 -2.59
C THR A 5 -0.21 -21.81 -1.46
N GLN A 6 -0.72 -20.59 -1.40
CA GLN A 6 -1.57 -20.14 -0.30
C GLN A 6 -3.00 -19.97 -0.79
N THR A 7 -3.93 -20.71 -0.19
CA THR A 7 -5.32 -20.65 -0.59
C THR A 7 -6.19 -20.37 0.62
N PRO A 8 -7.28 -19.60 0.46
CA PRO A 8 -7.72 -18.95 -0.80
C PRO A 8 -7.11 -17.56 -0.98
N ALA A 9 -7.35 -16.95 -2.15
CA ALA A 9 -6.84 -15.60 -2.39
C ALA A 9 -7.54 -14.57 -1.50
N SER A 10 -8.76 -14.84 -1.08
CA SER A 10 -9.56 -13.88 -0.32
C SER A 10 -10.64 -14.64 0.43
N VAL A 11 -10.94 -14.21 1.65
CA VAL A 11 -12.00 -14.83 2.44
C VAL A 11 -12.63 -13.73 3.29
N GLU A 12 -13.92 -13.87 3.54
CA GLU A 12 -14.65 -12.86 4.31
C GLU A 12 -15.51 -13.55 5.36
N ALA A 13 -15.57 -12.96 6.54
CA ALA A 13 -16.40 -13.46 7.62
C ALA A 13 -16.88 -12.31 8.48
N ALA A 14 -18.02 -12.51 9.13
CA ALA A 14 -18.56 -11.46 9.98
C ALA A 14 -17.72 -11.34 11.26
N VAL A 15 -18.02 -10.31 12.04
CA VAL A 15 -17.38 -10.14 13.34
C VAL A 15 -17.80 -11.29 14.24
N GLY A 16 -16.81 -11.90 14.91
CA GLY A 16 -17.05 -13.02 15.79
C GLY A 16 -17.02 -14.37 15.11
N GLY A 17 -16.84 -14.40 13.79
CA GLY A 17 -16.81 -15.63 13.04
C GLY A 17 -15.40 -16.17 12.99
N THR A 18 -15.20 -17.14 12.11
CA THR A 18 -13.94 -17.85 11.98
C THR A 18 -13.51 -17.80 10.52
N VAL A 19 -12.21 -17.85 10.32
CA VAL A 19 -11.60 -17.84 8.99
C VAL A 19 -10.50 -18.87 8.97
N THR A 20 -10.40 -19.58 7.86
CA THR A 20 -9.34 -20.57 7.67
C THR A 20 -8.55 -20.25 6.41
N ILE A 21 -7.24 -20.36 6.53
CA ILE A 21 -6.30 -20.17 5.43
C ILE A 21 -5.43 -21.43 5.36
N LYS A 22 -5.25 -21.94 4.16
CA LYS A 22 -4.48 -23.15 3.93
C LYS A 22 -3.21 -22.78 3.16
N CYS A 23 -2.18 -23.60 3.32
CA CYS A 23 -0.86 -23.32 2.75
C CYS A 23 -0.23 -24.65 2.43
N GLN A 24 0.35 -24.75 1.25
CA GLN A 24 1.02 -25.96 0.78
C GLN A 24 2.48 -25.67 0.50
N ALA A 25 3.32 -26.68 0.71
CA ALA A 25 4.73 -26.60 0.36
C ALA A 25 5.05 -27.64 -0.72
N SER A 26 5.95 -27.28 -1.62
CA SER A 26 6.40 -28.22 -2.64
C SER A 26 6.74 -29.56 -2.01
N GLN A 27 7.88 -29.64 -1.32
CA GLN A 27 8.22 -30.81 -0.52
C GLN A 27 8.12 -30.47 0.97
N SER A 28 8.24 -31.50 1.79
CA SER A 28 8.15 -31.30 3.23
C SER A 28 9.14 -30.24 3.68
N ILE A 29 8.66 -29.32 4.50
CA ILE A 29 9.52 -28.39 5.20
C ILE A 29 9.49 -28.63 6.72
N TYR A 30 9.11 -29.85 7.13
CA TYR A 30 9.00 -30.19 8.55
C TYR A 30 8.07 -29.16 9.18
N SER A 31 8.45 -28.51 10.27
CA SER A 31 7.57 -27.55 10.91
C SER A 31 8.07 -26.12 10.79
N TYR A 32 8.92 -25.85 9.81
CA TYR A 32 9.54 -24.52 9.68
C TYR A 32 8.65 -23.64 8.80
N LEU A 33 7.55 -23.21 9.40
CA LEU A 33 6.55 -22.39 8.73
C LEU A 33 6.13 -21.28 9.67
N ALA A 34 6.18 -20.04 9.18
CA ALA A 34 5.79 -18.87 9.93
C ALA A 34 4.55 -18.27 9.28
N TRP A 35 3.68 -17.67 10.08
CA TRP A 35 2.53 -16.94 9.57
C TRP A 35 2.65 -15.47 9.94
N TYR A 36 2.47 -14.60 8.96
CA TYR A 36 2.57 -13.16 9.16
C TYR A 36 1.23 -12.46 8.93
N GLN A 37 1.07 -11.32 9.61
CA GLN A 37 -0.05 -10.41 9.42
C GLN A 37 0.49 -9.07 8.94
N GLN A 38 -0.10 -8.52 7.87
CA GLN A 38 0.32 -7.23 7.34
C GLN A 38 -0.89 -6.31 7.18
N GLU A 39 -1.02 -5.36 8.08
CA GLU A 39 -2.06 -4.35 7.98
C GLU A 39 -1.62 -3.22 7.05
N PRO A 40 -2.57 -2.48 6.51
CA PRO A 40 -2.22 -1.39 5.58
C PRO A 40 -1.15 -0.48 6.16
N GLY A 41 -0.14 -0.20 5.34
CA GLY A 41 0.91 0.74 5.72
C GLY A 41 1.84 0.28 6.81
N GLN A 42 1.96 -1.02 7.06
CA GLN A 42 2.78 -1.46 8.16
C GLN A 42 3.71 -2.59 7.76
N PRO A 43 4.89 -2.68 8.40
CA PRO A 43 5.69 -3.88 8.29
C PRO A 43 4.85 -5.09 8.66
N PRO A 44 5.07 -6.23 8.02
CA PRO A 44 4.41 -7.46 8.49
C PRO A 44 4.79 -7.71 9.95
N LYS A 45 3.94 -8.46 10.64
CA LYS A 45 4.19 -8.87 12.01
C LYS A 45 3.95 -10.37 12.09
N ARG A 46 4.87 -11.08 12.76
CA ARG A 46 4.81 -12.53 12.84
C ARG A 46 3.86 -12.92 13.96
N LEU A 47 2.82 -13.67 13.61
CA LEU A 47 1.92 -14.24 14.61
C LEU A 47 2.39 -15.60 15.09
N ILE A 48 2.85 -16.44 14.16
CA ILE A 48 3.11 -17.85 14.44
C ILE A 48 4.45 -18.24 13.83
N TYR A 49 5.20 -19.06 14.56
CA TYR A 49 6.43 -19.65 14.05
C TYR A 49 6.47 -21.12 14.43
N LYS A 50 7.32 -21.88 13.75
CA LYS A 50 7.36 -23.33 13.86
C LYS A 50 5.96 -23.93 13.69
N ALA A 51 5.19 -23.32 12.79
CA ALA A 51 3.91 -23.85 12.33
C ALA A 51 2.78 -23.65 13.34
N SER A 52 3.04 -23.87 14.64
CA SER A 52 1.99 -23.80 15.64
C SER A 52 2.32 -22.94 16.85
N THR A 53 3.56 -22.51 17.05
CA THR A 53 3.91 -21.75 18.25
C THR A 53 3.58 -20.27 18.07
N LEU A 54 2.77 -19.73 18.97
CA LEU A 54 2.33 -18.34 18.93
C LEU A 54 3.41 -17.40 19.44
N ALA A 55 3.51 -16.23 18.80
CA ALA A 55 4.48 -15.23 19.24
C ALA A 55 3.96 -14.55 20.51
N SER A 56 4.87 -13.84 21.18
CA SER A 56 4.54 -13.18 22.43
C SER A 56 3.37 -12.20 22.25
N GLY A 57 2.45 -12.21 23.22
CA GLY A 57 1.33 -11.32 23.18
C GLY A 57 0.24 -11.64 22.18
N VAL A 58 0.43 -12.64 21.33
CA VAL A 58 -0.57 -12.96 20.31
C VAL A 58 -1.71 -13.76 20.95
N PRO A 59 -2.98 -13.40 20.69
CA PRO A 59 -4.08 -14.08 21.40
C PRO A 59 -4.22 -15.53 20.93
N PRO A 60 -4.62 -16.42 21.82
CA PRO A 60 -4.81 -17.83 21.41
C PRO A 60 -5.93 -18.03 20.39
N ARG A 61 -6.62 -16.99 19.95
CA ARG A 61 -7.59 -17.15 18.88
C ARG A 61 -6.95 -17.24 17.50
N PHE A 62 -5.62 -17.15 17.41
CA PHE A 62 -4.89 -17.49 16.19
C PHE A 62 -4.35 -18.90 16.40
N LYS A 63 -4.67 -19.82 15.49
CA LYS A 63 -4.26 -21.22 15.63
C LYS A 63 -3.54 -21.69 14.37
N GLY A 64 -2.32 -22.20 14.53
CA GLY A 64 -1.54 -22.75 13.44
C GLY A 64 -1.49 -24.26 13.56
N SER A 65 -1.54 -24.95 12.43
CA SER A 65 -1.43 -26.40 12.46
C SER A 65 -0.73 -26.85 11.19
N GLY A 66 -0.40 -28.13 11.15
CA GLY A 66 0.15 -28.75 9.97
C GLY A 66 1.63 -29.06 10.10
N SER A 67 2.08 -29.99 9.27
CA SER A 67 3.50 -30.31 9.20
C SER A 67 3.78 -31.04 7.90
N GLY A 68 5.06 -31.11 7.55
CA GLY A 68 5.46 -31.67 6.27
C GLY A 68 5.05 -30.74 5.15
N THR A 69 3.91 -31.04 4.53
CA THR A 69 3.51 -30.39 3.29
C THR A 69 2.33 -29.43 3.42
N GLU A 70 1.40 -29.64 4.36
CA GLU A 70 0.14 -28.91 4.36
C GLU A 70 -0.08 -28.24 5.71
N PHE A 71 -0.26 -26.93 5.70
CA PHE A 71 -0.42 -26.14 6.92
C PHE A 71 -1.74 -25.39 6.87
N THR A 72 -2.16 -24.95 8.05
CA THR A 72 -3.36 -24.13 8.14
C THR A 72 -3.19 -23.08 9.21
N LEU A 73 -3.79 -21.90 8.95
CA LEU A 73 -4.00 -20.87 9.95
C LEU A 73 -5.51 -20.66 10.06
N THR A 74 -6.03 -20.75 11.28
CA THR A 74 -7.43 -20.45 11.54
C THR A 74 -7.49 -19.29 12.55
N ILE A 75 -8.32 -18.30 12.25
CA ILE A 75 -8.52 -17.12 13.08
C ILE A 75 -9.96 -17.20 13.57
N SER A 76 -10.15 -17.28 14.88
CA SER A 76 -11.48 -17.26 15.45
C SER A 76 -11.73 -15.92 16.12
N ASP A 77 -12.99 -15.66 16.44
CA ASP A 77 -13.37 -14.42 17.13
C ASP A 77 -12.97 -13.19 16.30
N LEU A 78 -13.22 -13.25 15.00
CA LEU A 78 -12.91 -12.15 14.10
C LEU A 78 -13.26 -10.79 14.70
N GLU A 79 -12.32 -9.87 14.60
CA GLU A 79 -12.52 -8.47 14.95
C GLU A 79 -12.36 -7.63 13.69
N CYS A 80 -12.85 -6.39 13.73
CA CYS A 80 -12.63 -5.51 12.59
C CYS A 80 -11.14 -5.27 12.35
N ALA A 81 -10.32 -5.38 13.41
CA ALA A 81 -8.89 -5.11 13.30
C ALA A 81 -8.15 -6.20 12.51
N ASP A 82 -8.72 -7.40 12.38
CA ASP A 82 -8.05 -8.49 11.68
C ASP A 82 -8.19 -8.39 10.16
N ALA A 83 -8.86 -7.34 9.66
CA ALA A 83 -8.84 -7.00 8.25
C ALA A 83 -7.39 -6.73 7.85
N ALA A 84 -6.75 -7.67 7.20
CA ALA A 84 -5.34 -7.54 6.87
C ALA A 84 -5.04 -8.56 5.79
N THR A 85 -3.79 -8.56 5.34
CA THR A 85 -3.28 -9.62 4.48
C THR A 85 -2.43 -10.54 5.32
N TYR A 86 -2.55 -11.85 5.08
CA TYR A 86 -1.88 -12.88 5.87
C TYR A 86 -1.00 -13.71 4.97
N TYR A 87 0.26 -13.90 5.38
CA TYR A 87 1.23 -14.62 4.57
C TYR A 87 1.80 -15.80 5.34
N CYS A 88 1.93 -16.96 4.68
CA CYS A 88 2.83 -17.99 5.16
C CYS A 88 4.20 -17.79 4.52
N GLN A 89 5.26 -18.22 5.24
CA GLN A 89 6.58 -18.33 4.63
C GLN A 89 7.31 -19.52 5.25
N SER A 90 8.11 -20.22 4.43
CA SER A 90 9.04 -21.23 4.92
C SER A 90 10.16 -20.57 5.71
N ASN A 91 10.49 -21.15 6.86
CA ASN A 91 11.64 -20.73 7.65
C ASN A 91 12.81 -21.66 7.50
N LEU A 92 12.74 -22.56 6.52
CA LEU A 92 13.81 -23.51 6.19
C LEU A 92 14.41 -23.12 4.85
N TYR A 93 15.72 -22.94 4.80
CA TYR A 93 16.38 -22.56 3.56
C TYR A 93 17.69 -23.33 3.48
N SER A 94 18.15 -23.49 2.27
CA SER A 94 19.38 -24.20 1.99
C SER A 94 20.28 -23.30 1.16
N ILE A 95 21.49 -23.77 0.89
CA ILE A 95 22.41 -23.05 0.03
C ILE A 95 22.19 -23.45 -1.43
N ASN A 96 21.90 -24.72 -1.67
CA ASN A 96 21.66 -25.23 -3.01
C ASN A 96 20.37 -24.74 -3.63
N SER A 97 19.47 -24.10 -2.86
CA SER A 97 18.23 -23.54 -3.37
C SER A 97 17.20 -24.62 -3.72
N ASP A 98 17.26 -25.77 -3.04
CA ASP A 98 16.10 -26.65 -2.95
C ASP A 98 15.06 -26.03 -2.00
N TYR A 99 15.49 -25.62 -0.82
CA TYR A 99 14.67 -24.91 0.16
C TYR A 99 14.93 -23.40 0.07
N GLY A 100 13.97 -22.64 0.56
CA GLY A 100 14.11 -21.20 0.61
C GLY A 100 13.00 -20.59 1.45
N ALA A 101 13.25 -19.37 1.88
CA ALA A 101 12.35 -18.68 2.79
C ALA A 101 11.19 -18.06 2.02
N ALA A 102 10.53 -18.87 1.19
CA ALA A 102 9.57 -18.38 0.22
C ALA A 102 8.22 -18.05 0.87
N PHE A 103 7.63 -16.94 0.44
CA PHE A 103 6.35 -16.46 0.94
C PHE A 103 5.20 -17.00 0.09
N GLY A 104 4.10 -17.31 0.75
CA GLY A 104 2.88 -17.58 0.02
C GLY A 104 2.39 -16.32 -0.68
N GLY A 105 1.43 -16.52 -1.60
CA GLY A 105 0.90 -15.39 -2.36
C GLY A 105 0.13 -14.40 -1.52
N GLY A 106 -0.43 -14.85 -0.41
CA GLY A 106 -1.17 -13.98 0.48
C GLY A 106 -2.67 -14.22 0.42
N THR A 107 -3.33 -14.04 1.56
CA THR A 107 -4.78 -14.08 1.67
C THR A 107 -5.26 -12.78 2.32
N GLU A 108 -6.22 -12.11 1.67
CA GLU A 108 -6.84 -10.93 2.25
C GLU A 108 -8.04 -11.38 3.08
N VAL A 109 -8.08 -10.98 4.35
CA VAL A 109 -9.21 -11.25 5.21
C VAL A 109 -10.10 -10.01 5.19
N VAL A 110 -11.32 -10.21 4.73
CA VAL A 110 -12.31 -9.15 4.60
C VAL A 110 -13.28 -9.32 5.76
N VAL A 111 -13.51 -8.24 6.50
CA VAL A 111 -14.48 -8.26 7.59
C VAL A 111 -15.84 -7.89 7.00
N LYS A 112 -16.78 -8.85 7.06
CA LYS A 112 -18.08 -8.73 6.41
C LYS A 112 -18.93 -7.77 7.22
N ARG A 113 -19.48 -6.77 6.55
CA ARG A 113 -20.36 -5.82 7.18
C ARG A 113 -21.57 -5.64 6.27
N THR A 114 -22.49 -4.77 6.67
CA THR A 114 -23.67 -4.55 5.86
C THR A 114 -23.34 -3.71 4.63
N VAL A 115 -24.06 -4.00 3.55
CA VAL A 115 -23.77 -3.32 2.29
C VAL A 115 -24.03 -1.83 2.46
N ALA A 116 -23.14 -1.02 1.89
CA ALA A 116 -23.28 0.43 1.96
C ALA A 116 -22.89 1.01 0.61
N ALA A 117 -23.76 1.88 0.08
CA ALA A 117 -23.51 2.49 -1.22
C ALA A 117 -22.59 3.71 -1.07
N PRO A 118 -21.75 3.96 -2.05
CA PRO A 118 -20.85 5.12 -1.96
C PRO A 118 -21.64 6.43 -1.92
N SER A 119 -21.09 7.39 -1.18
CA SER A 119 -21.40 8.80 -1.40
C SER A 119 -20.51 9.34 -2.53
N VAL A 120 -21.10 10.05 -3.47
CA VAL A 120 -20.37 10.49 -4.66
C VAL A 120 -20.19 12.00 -4.61
N PHE A 121 -18.94 12.43 -4.74
CA PHE A 121 -18.56 13.83 -4.86
C PHE A 121 -17.73 14.00 -6.13
N ILE A 122 -17.85 15.14 -6.77
CA ILE A 122 -17.10 15.44 -7.99
C ILE A 122 -16.49 16.82 -7.87
N PHE A 123 -15.27 16.97 -8.38
CA PHE A 123 -14.52 18.22 -8.25
C PHE A 123 -14.03 18.68 -9.62
N PRO A 124 -14.51 19.82 -10.12
CA PRO A 124 -13.95 20.37 -11.36
C PRO A 124 -12.48 20.72 -11.17
N PRO A 125 -11.72 20.80 -12.26
CA PRO A 125 -10.30 21.17 -12.14
C PRO A 125 -10.17 22.61 -11.66
N SER A 126 -9.06 22.88 -10.99
CA SER A 126 -8.83 24.17 -10.35
C SER A 126 -8.28 25.17 -11.36
N ASP A 127 -8.68 26.44 -11.17
CA ASP A 127 -8.19 27.52 -12.02
C ASP A 127 -6.68 27.53 -12.06
N GLU A 128 -6.04 27.32 -10.90
CA GLU A 128 -4.59 27.36 -10.81
C GLU A 128 -3.96 26.20 -11.59
N GLN A 129 -4.66 25.08 -11.71
CA GLN A 129 -4.15 23.99 -12.51
C GLN A 129 -4.27 24.28 -14.00
N LEU A 130 -5.38 24.89 -14.43
CA LEU A 130 -5.57 25.16 -15.85
C LEU A 130 -4.50 26.10 -16.39
N LYS A 131 -3.91 26.93 -15.52
CA LYS A 131 -2.87 27.84 -15.97
C LYS A 131 -1.61 27.10 -16.40
N SER A 132 -1.43 25.85 -15.96
CA SER A 132 -0.29 25.04 -16.34
C SER A 132 -0.56 24.18 -17.57
N GLY A 133 -1.80 24.17 -18.07
CA GLY A 133 -2.14 23.46 -19.28
C GLY A 133 -2.77 22.10 -19.07
N THR A 134 -3.15 21.74 -17.86
CA THR A 134 -3.79 20.46 -17.60
C THR A 134 -5.11 20.66 -16.88
N ALA A 135 -6.04 19.73 -17.09
CA ALA A 135 -7.30 19.68 -16.36
C ALA A 135 -7.44 18.27 -15.78
N SER A 136 -7.67 18.19 -14.46
CA SER A 136 -7.94 16.92 -13.80
C SER A 136 -9.31 17.00 -13.15
N VAL A 137 -10.18 16.07 -13.50
CA VAL A 137 -11.50 15.94 -12.91
C VAL A 137 -11.47 14.73 -11.97
N VAL A 138 -11.80 14.96 -10.71
CA VAL A 138 -11.77 13.91 -9.69
C VAL A 138 -13.19 13.54 -9.28
N CYS A 139 -13.46 12.25 -9.23
CA CYS A 139 -14.70 11.66 -8.73
C CYS A 139 -14.31 10.89 -7.47
N LEU A 140 -15.07 11.04 -6.40
CA LEU A 140 -14.71 10.45 -5.12
C LEU A 140 -15.89 9.60 -4.64
N LEU A 141 -15.65 8.30 -4.50
CA LEU A 141 -16.62 7.38 -3.92
C LEU A 141 -16.19 7.10 -2.49
N ASN A 142 -17.02 7.50 -1.52
CA ASN A 142 -16.62 7.47 -0.13
C ASN A 142 -17.46 6.46 0.65
N ASN A 143 -16.78 5.70 1.50
CA ASN A 143 -17.35 4.82 2.51
C ASN A 143 -18.43 3.91 1.94
N PHE A 144 -17.99 2.95 1.13
CA PHE A 144 -18.88 1.91 0.62
C PHE A 144 -18.38 0.51 0.96
N TYR A 145 -19.28 -0.47 0.79
CA TYR A 145 -18.96 -1.87 1.02
C TYR A 145 -19.93 -2.73 0.23
N PRO A 146 -19.47 -3.79 -0.45
CA PRO A 146 -18.10 -4.28 -0.61
C PRO A 146 -17.30 -3.47 -1.63
N ARG A 147 -16.05 -3.88 -1.86
CA ARG A 147 -15.10 -3.08 -2.63
C ARG A 147 -15.42 -3.05 -4.14
N GLU A 148 -16.08 -4.08 -4.68
CA GLU A 148 -16.38 -4.08 -6.11
C GLU A 148 -17.21 -2.84 -6.47
N ALA A 149 -16.77 -2.13 -7.50
CA ALA A 149 -17.38 -0.86 -7.91
C ALA A 149 -16.74 -0.40 -9.22
N LYS A 150 -17.53 -0.08 -10.25
CA LYS A 150 -16.98 0.45 -11.49
C LYS A 150 -17.40 1.91 -11.66
N VAL A 151 -16.44 2.72 -12.13
CA VAL A 151 -16.65 4.12 -12.45
C VAL A 151 -16.47 4.27 -13.95
N GLN A 152 -17.33 5.06 -14.57
CA GLN A 152 -17.27 5.32 -16.00
C GLN A 152 -17.41 6.81 -16.22
N TRP A 153 -16.49 7.38 -16.98
CA TRP A 153 -16.54 8.79 -17.30
C TRP A 153 -17.23 8.98 -18.64
N LYS A 154 -18.01 10.05 -18.74
CA LYS A 154 -18.64 10.41 -20.01
C LYS A 154 -18.46 11.91 -20.22
N VAL A 155 -17.79 12.28 -21.31
CA VAL A 155 -17.73 13.67 -21.75
C VAL A 155 -18.74 13.83 -22.87
N ASP A 156 -19.68 14.75 -22.69
CA ASP A 156 -20.79 14.94 -23.62
C ASP A 156 -21.37 13.59 -24.07
N ASN A 157 -21.53 12.69 -23.09
CA ASN A 157 -22.11 11.36 -23.32
C ASN A 157 -21.26 10.52 -24.27
N ALA A 158 -19.95 10.63 -24.13
CA ALA A 158 -18.99 9.80 -24.84
C ALA A 158 -18.13 9.08 -23.81
N LEU A 159 -18.13 7.75 -23.85
CA LEU A 159 -17.39 6.99 -22.86
C LEU A 159 -15.90 7.20 -23.05
N GLN A 160 -15.20 7.51 -21.96
CA GLN A 160 -13.76 7.69 -21.95
C GLN A 160 -13.14 6.41 -21.41
N SER A 161 -12.56 5.61 -22.30
CA SER A 161 -11.93 4.34 -21.92
C SER A 161 -10.43 4.44 -22.20
N GLY A 162 -9.67 4.83 -21.18
CA GLY A 162 -8.24 4.82 -21.30
C GLY A 162 -7.50 5.99 -20.70
N ASN A 163 -8.23 7.01 -20.24
CA ASN A 163 -7.64 8.21 -19.65
C ASN A 163 -8.13 8.40 -18.22
N SER A 164 -8.51 7.31 -17.56
CA SER A 164 -8.87 7.32 -16.16
C SER A 164 -7.81 6.62 -15.34
N GLN A 165 -7.65 7.05 -14.09
CA GLN A 165 -6.87 6.33 -13.09
C GLN A 165 -7.78 6.13 -11.88
N GLU A 166 -7.97 4.88 -11.50
CA GLU A 166 -8.70 4.55 -10.29
C GLU A 166 -7.70 4.32 -9.17
N SER A 167 -8.09 4.67 -7.95
CA SER A 167 -7.32 4.31 -6.78
C SER A 167 -8.25 4.03 -5.61
N VAL A 168 -7.90 3.03 -4.79
CA VAL A 168 -8.79 2.55 -3.76
C VAL A 168 -8.01 2.34 -2.47
N THR A 169 -8.64 2.67 -1.35
CA THR A 169 -8.04 2.40 -0.05
C THR A 169 -8.29 0.94 0.35
N GLU A 170 -7.57 0.50 1.36
CA GLU A 170 -7.83 -0.82 1.91
C GLU A 170 -8.99 -0.73 2.89
N GLN A 171 -9.47 -1.88 3.33
CA GLN A 171 -10.63 -1.89 4.21
C GLN A 171 -10.32 -1.14 5.50
N ASP A 172 -11.27 -0.35 5.95
CA ASP A 172 -11.08 0.45 7.15
C ASP A 172 -11.28 -0.41 8.40
N SER A 173 -10.37 -0.27 9.35
CA SER A 173 -10.39 -1.08 10.56
C SER A 173 -11.44 -0.64 11.57
N LYS A 174 -12.13 0.47 11.31
CA LYS A 174 -13.17 0.99 12.19
C LYS A 174 -14.56 0.74 11.63
N ASP A 175 -14.87 1.27 10.45
CA ASP A 175 -16.19 1.06 9.85
C ASP A 175 -16.19 0.00 8.76
N SER A 176 -15.02 -0.56 8.43
CA SER A 176 -14.94 -1.71 7.51
C SER A 176 -15.42 -1.37 6.11
N THR A 177 -15.31 -0.11 5.72
CA THR A 177 -15.74 0.36 4.41
C THR A 177 -14.50 0.68 3.56
N TYR A 178 -14.76 0.96 2.29
CA TYR A 178 -13.74 1.35 1.33
C TYR A 178 -14.01 2.76 0.81
N SER A 179 -12.97 3.35 0.24
CA SER A 179 -13.10 4.58 -0.51
C SER A 179 -12.32 4.45 -1.82
N LEU A 180 -12.76 5.20 -2.83
CA LEU A 180 -12.21 5.06 -4.17
C LEU A 180 -12.12 6.44 -4.81
N SER A 181 -10.98 6.71 -5.45
CA SER A 181 -10.75 7.95 -6.16
C SER A 181 -10.51 7.63 -7.64
N SER A 182 -11.25 8.31 -8.51
CA SER A 182 -11.01 8.21 -9.94
C SER A 182 -10.62 9.58 -10.47
N THR A 183 -9.64 9.63 -11.36
CA THR A 183 -9.17 10.89 -11.91
C THR A 183 -9.15 10.85 -13.42
N LEU A 184 -9.79 11.83 -14.06
CA LEU A 184 -9.79 12.01 -15.50
C LEU A 184 -8.87 13.16 -15.84
N THR A 185 -7.84 12.90 -16.65
CA THR A 185 -6.87 13.93 -17.00
C THR A 185 -6.97 14.29 -18.47
N LEU A 186 -7.12 15.59 -18.74
CA LEU A 186 -7.18 16.14 -20.07
C LEU A 186 -6.23 17.32 -20.19
N SER A 187 -5.75 17.57 -21.41
CA SER A 187 -5.11 18.84 -21.69
C SER A 187 -6.12 19.98 -21.51
N LYS A 188 -5.61 21.18 -21.24
CA LYS A 188 -6.52 22.31 -21.09
C LYS A 188 -7.36 22.52 -22.35
N ALA A 189 -6.75 22.35 -23.52
CA ALA A 189 -7.51 22.55 -24.75
C ALA A 189 -8.67 21.56 -24.86
N ASP A 190 -8.36 20.25 -24.79
CA ASP A 190 -9.40 19.25 -24.94
C ASP A 190 -10.48 19.40 -23.87
N TYR A 191 -10.11 19.88 -22.67
CA TYR A 191 -11.12 20.12 -21.63
C TYR A 191 -12.09 21.23 -22.04
N GLU A 192 -11.58 22.30 -22.64
CA GLU A 192 -12.43 23.39 -23.08
C GLU A 192 -13.16 23.09 -24.40
N LYS A 193 -13.13 21.84 -24.88
CA LYS A 193 -13.90 21.45 -26.06
C LYS A 193 -15.32 21.00 -25.72
N HIS A 194 -15.58 20.58 -24.48
CA HIS A 194 -16.87 20.06 -24.07
C HIS A 194 -17.34 20.79 -22.82
N LYS A 195 -18.61 20.55 -22.45
CA LYS A 195 -19.20 21.21 -21.29
C LYS A 195 -19.65 20.23 -20.22
N VAL A 196 -20.15 19.05 -20.59
CA VAL A 196 -20.71 18.12 -19.62
C VAL A 196 -19.69 17.05 -19.28
N TYR A 197 -19.30 16.98 -18.01
CA TYR A 197 -18.37 15.98 -17.50
C TYR A 197 -19.09 15.19 -16.42
N ALA A 198 -19.14 13.87 -16.57
CA ALA A 198 -19.92 13.03 -15.68
C ALA A 198 -19.25 11.70 -15.42
N CYS A 199 -19.26 11.28 -14.15
CA CYS A 199 -18.89 9.93 -13.76
C CYS A 199 -20.14 9.15 -13.37
N GLU A 200 -20.35 8.00 -14.02
CA GLU A 200 -21.38 7.03 -13.65
C GLU A 200 -20.78 6.01 -12.68
N VAL A 201 -21.58 5.59 -11.71
CA VAL A 201 -21.11 4.68 -10.67
C VAL A 201 -22.05 3.49 -10.58
N THR A 202 -21.49 2.29 -10.55
CA THR A 202 -22.23 1.05 -10.36
C THR A 202 -21.70 0.35 -9.13
N HIS A 203 -22.60 -0.02 -8.24
CA HIS A 203 -22.24 -0.66 -6.99
C HIS A 203 -23.44 -1.46 -6.50
N GLN A 204 -23.15 -2.58 -5.84
CA GLN A 204 -24.20 -3.51 -5.42
C GLN A 204 -25.20 -2.84 -4.48
N GLY A 205 -24.77 -1.86 -3.70
CA GLY A 205 -25.69 -1.19 -2.79
C GLY A 205 -26.63 -0.21 -3.45
N LEU A 206 -26.55 -0.04 -4.76
CA LEU A 206 -27.47 0.83 -5.49
C LEU A 206 -28.19 0.04 -6.57
N SER A 207 -29.50 0.22 -6.65
CA SER A 207 -30.30 -0.59 -7.58
C SER A 207 -30.10 -0.18 -9.04
N SER A 208 -29.67 1.03 -9.29
CA SER A 208 -29.42 1.53 -10.63
C SER A 208 -28.14 2.33 -10.61
N PRO A 209 -27.42 2.42 -11.72
CA PRO A 209 -26.24 3.29 -11.74
C PRO A 209 -26.64 4.74 -11.54
N VAL A 210 -25.77 5.47 -10.87
CA VAL A 210 -26.00 6.89 -10.57
C VAL A 210 -24.91 7.71 -11.26
N THR A 211 -25.31 8.89 -11.75
CA THR A 211 -24.42 9.79 -12.46
C THR A 211 -24.34 11.10 -11.69
N LYS A 212 -23.15 11.50 -11.31
CA LYS A 212 -22.92 12.87 -10.87
C LYS A 212 -22.13 13.58 -11.96
N SER A 213 -22.58 14.76 -12.35
CA SER A 213 -22.02 15.47 -13.48
C SER A 213 -21.86 16.94 -13.14
N PHE A 214 -21.29 17.70 -14.07
CA PHE A 214 -21.29 19.14 -13.97
C PHE A 214 -21.08 19.73 -15.37
N ASN A 215 -21.51 20.97 -15.54
CA ASN A 215 -21.27 21.74 -16.73
C ASN A 215 -20.08 22.67 -16.47
N ARG A 216 -19.04 22.58 -17.32
CA ARG A 216 -17.88 23.46 -17.24
C ARG A 216 -18.33 24.91 -17.23
N GLY A 217 -18.20 25.56 -16.07
CA GLY A 217 -18.72 26.91 -15.88
C GLY A 217 -19.49 27.06 -14.58
N GLN B 1 16.46 -4.38 20.22
CA GLN B 1 15.26 -4.96 19.56
C GLN B 1 14.70 -3.99 18.52
N SER B 2 15.55 -3.58 17.58
CA SER B 2 15.15 -2.66 16.51
C SER B 2 16.09 -2.82 15.34
N VAL B 3 15.55 -2.62 14.13
CA VAL B 3 16.34 -2.65 12.90
C VAL B 3 15.94 -1.48 12.02
N LYS B 4 16.91 -0.91 11.30
CA LYS B 4 16.59 0.17 10.36
C LYS B 4 17.42 0.07 9.09
N GLU B 5 16.73 0.14 7.96
CA GLU B 5 17.33 0.25 6.65
C GLU B 5 17.81 1.68 6.40
N SER B 6 18.58 1.85 5.34
CA SER B 6 19.05 3.19 4.96
C SER B 6 19.53 3.14 3.53
N GLU B 7 19.86 4.32 3.00
CA GLU B 7 20.50 4.44 1.69
C GLU B 7 19.57 3.96 0.56
N GLY B 8 18.29 4.35 0.63
CA GLY B 8 17.36 4.11 -0.45
C GLY B 8 17.19 5.34 -1.34
N GLY B 9 16.32 5.17 -2.34
CA GLY B 9 16.00 6.28 -3.22
C GLY B 9 15.86 5.95 -4.70
N LEU B 10 16.24 6.91 -5.55
CA LEU B 10 16.15 6.77 -7.00
C LEU B 10 17.47 6.26 -7.54
N PHE B 11 17.41 5.17 -8.30
CA PHE B 11 18.57 4.51 -8.86
C PHE B 11 18.42 4.39 -10.36
N LYS B 12 19.53 4.53 -11.07
CA LYS B 12 19.48 4.39 -12.52
C LYS B 12 19.52 2.91 -12.91
N PRO B 13 18.97 2.56 -14.07
CA PRO B 13 18.89 1.15 -14.45
C PRO B 13 20.23 0.46 -14.56
N THR B 14 21.32 1.16 -14.88
CA THR B 14 22.64 0.55 -14.85
C THR B 14 23.25 0.57 -13.46
N ASP B 15 22.67 1.33 -12.54
CA ASP B 15 23.26 1.54 -11.23
C ASP B 15 23.35 0.23 -10.45
N THR B 16 24.07 0.30 -9.33
CA THR B 16 24.15 -0.78 -8.35
C THR B 16 23.49 -0.31 -7.05
N LEU B 17 22.59 -1.12 -6.52
CA LEU B 17 21.86 -0.78 -5.32
C LEU B 17 22.59 -1.31 -4.10
N THR B 18 22.60 -0.49 -3.05
CA THR B 18 23.24 -0.87 -1.80
C THR B 18 22.40 -0.36 -0.65
N LEU B 19 21.82 -1.26 0.13
CA LEU B 19 21.22 -0.86 1.39
C LEU B 19 21.99 -1.35 2.60
N THR B 20 21.74 -0.70 3.74
CA THR B 20 22.36 -1.05 5.01
C THR B 20 21.28 -1.17 6.08
N CYS B 21 21.34 -2.25 6.85
CA CYS B 21 20.42 -2.53 7.94
C CYS B 21 21.22 -2.41 9.22
N THR B 22 20.93 -1.38 10.02
CA THR B 22 21.63 -1.11 11.27
C THR B 22 20.81 -1.71 12.42
N VAL B 23 21.36 -2.75 13.06
CA VAL B 23 20.71 -3.39 14.19
C VAL B 23 21.28 -2.77 15.46
N SER B 24 20.43 -2.10 16.21
CA SER B 24 20.84 -1.48 17.47
C SER B 24 19.88 -1.96 18.56
N GLY B 25 20.35 -2.92 19.36
CA GLY B 25 19.56 -3.46 20.45
C GLY B 25 19.84 -4.90 20.76
N PHE B 26 20.53 -5.62 19.87
CA PHE B 26 20.83 -7.01 20.12
C PHE B 26 22.14 -7.38 19.45
N SER B 27 22.89 -8.29 20.09
CA SER B 27 24.16 -8.72 19.52
C SER B 27 23.90 -9.42 18.20
N LEU B 28 24.61 -8.98 17.16
CA LEU B 28 24.36 -9.56 15.85
C LEU B 28 24.66 -11.06 15.84
N SER B 29 25.77 -11.49 16.42
CA SER B 29 26.05 -12.91 16.39
C SER B 29 24.82 -13.72 16.83
N SER B 30 24.64 -14.88 16.20
CA SER B 30 23.55 -15.80 16.55
C SER B 30 22.18 -15.15 16.38
N ASN B 31 22.02 -14.38 15.30
CA ASN B 31 20.74 -13.80 14.94
C ASN B 31 20.70 -13.62 13.44
N ALA B 32 19.78 -14.30 12.77
CA ALA B 32 19.68 -14.21 11.32
C ALA B 32 19.00 -12.92 10.91
N ILE B 33 19.45 -12.36 9.78
CA ILE B 33 18.90 -11.15 9.21
C ILE B 33 18.41 -11.49 7.80
N SER B 34 17.17 -11.17 7.52
CA SER B 34 16.58 -11.40 6.21
C SER B 34 16.34 -10.09 5.48
N TRP B 35 16.39 -10.17 4.14
CA TRP B 35 15.95 -9.08 3.28
C TRP B 35 14.73 -9.54 2.49
N VAL B 36 13.62 -8.84 2.68
CA VAL B 36 12.38 -9.09 1.96
C VAL B 36 12.02 -7.79 1.25
N ARG B 37 11.35 -7.92 0.12
CA ARG B 37 10.88 -6.74 -0.58
C ARG B 37 9.43 -6.95 -1.00
N GLN B 38 8.78 -5.83 -1.32
CA GLN B 38 7.35 -5.81 -1.63
C GLN B 38 7.12 -4.77 -2.70
N ALA B 39 6.69 -5.21 -3.85
CA ALA B 39 6.36 -4.25 -4.88
C ALA B 39 5.03 -3.58 -4.53
N PRO B 40 4.84 -2.33 -4.97
CA PRO B 40 3.63 -1.60 -4.55
C PRO B 40 2.36 -2.37 -4.91
N GLY B 41 1.61 -2.74 -3.88
CA GLY B 41 0.36 -3.44 -4.07
C GLY B 41 0.48 -4.94 -4.24
N ASN B 42 1.67 -5.51 -4.09
CA ASN B 42 1.92 -6.91 -4.38
C ASN B 42 2.42 -7.62 -3.12
N GLY B 43 2.68 -8.91 -3.27
CA GLY B 43 3.05 -9.74 -2.15
C GLY B 43 4.48 -9.53 -1.68
N LEU B 44 4.84 -10.26 -0.63
CA LEU B 44 6.19 -10.24 -0.11
C LEU B 44 7.07 -11.16 -0.94
N GLU B 45 8.34 -10.77 -1.09
CA GLU B 45 9.28 -11.56 -1.87
C GLU B 45 10.61 -11.62 -1.14
N TRP B 46 11.04 -12.82 -0.78
CA TRP B 46 12.28 -13.00 -0.04
C TRP B 46 13.47 -12.89 -0.98
N ILE B 47 14.45 -12.10 -0.58
CA ILE B 47 15.66 -11.91 -1.38
C ILE B 47 16.79 -12.81 -0.88
N GLY B 48 17.04 -12.81 0.41
CA GLY B 48 18.05 -13.65 0.99
C GLY B 48 18.19 -13.32 2.44
N THR B 49 18.95 -14.16 3.14
CA THR B 49 19.17 -13.97 4.56
C THR B 49 20.56 -14.46 4.91
N ILE B 50 21.11 -13.88 5.96
CA ILE B 50 22.45 -14.16 6.45
C ILE B 50 22.29 -14.66 7.88
N GLY B 51 22.61 -15.92 8.11
CA GLY B 51 22.37 -16.52 9.41
C GLY B 51 23.28 -15.96 10.49
N GLY B 52 22.89 -16.18 11.74
CA GLY B 52 23.87 -16.05 12.82
C GLY B 52 25.10 -16.88 12.56
N SER B 53 24.90 -18.12 12.08
CA SER B 53 25.97 -19.00 11.61
C SER B 53 27.08 -18.19 10.96
N GLY B 54 26.70 -17.16 10.18
CA GLY B 54 27.58 -16.46 9.27
C GLY B 54 27.32 -16.83 7.83
N ASN B 55 26.73 -18.00 7.60
CA ASN B 55 26.40 -18.47 6.27
C ASN B 55 25.38 -17.52 5.62
N THR B 56 25.19 -17.72 4.32
CA THR B 56 24.49 -16.79 3.45
C THR B 56 23.56 -17.62 2.58
N TYR B 57 22.32 -17.17 2.46
CA TYR B 57 21.29 -17.88 1.73
C TYR B 57 20.56 -16.92 0.82
N TYR B 58 20.29 -17.41 -0.39
CA TYR B 58 19.71 -16.57 -1.43
C TYR B 58 18.54 -17.25 -2.11
N ALA B 59 17.52 -16.46 -2.45
CA ALA B 59 16.48 -16.95 -3.35
C ALA B 59 17.11 -17.22 -4.70
N SER B 60 16.51 -18.13 -5.47
CA SER B 60 17.14 -18.53 -6.72
C SER B 60 17.20 -17.39 -7.73
N TRP B 61 16.23 -16.45 -7.70
CA TRP B 61 16.22 -15.36 -8.67
C TRP B 61 17.26 -14.28 -8.35
N ALA B 62 17.68 -14.17 -7.09
CA ALA B 62 18.61 -13.14 -6.66
C ALA B 62 20.03 -13.65 -6.45
N LYS B 63 20.24 -14.96 -6.49
CA LYS B 63 21.54 -15.53 -6.12
C LYS B 63 22.64 -15.06 -7.06
N SER B 64 22.32 -14.85 -8.34
CA SER B 64 23.35 -14.51 -9.30
C SER B 64 23.71 -13.03 -9.30
N ARG B 65 22.84 -12.16 -8.80
CA ARG B 65 23.13 -10.73 -8.82
C ARG B 65 23.09 -10.05 -7.46
N SER B 66 23.07 -10.81 -6.37
CA SER B 66 22.94 -10.26 -5.04
C SER B 66 24.02 -10.81 -4.13
N THR B 67 24.55 -9.97 -3.25
CA THR B 67 25.43 -10.39 -2.17
C THR B 67 24.94 -9.73 -0.88
N ILE B 68 24.81 -10.51 0.17
CA ILE B 68 24.55 -9.99 1.51
C ILE B 68 25.83 -10.11 2.30
N THR B 69 26.29 -9.01 2.89
CA THR B 69 27.44 -9.02 3.76
C THR B 69 27.04 -8.48 5.13
N ARG B 70 27.76 -8.92 6.15
CA ARG B 70 27.65 -8.34 7.48
C ARG B 70 29.03 -7.85 7.91
N ASN B 71 29.02 -6.74 8.65
CA ASN B 71 30.19 -6.17 9.31
C ASN B 71 29.77 -6.16 10.78
N THR B 72 30.20 -7.16 11.56
CA THR B 72 29.59 -7.38 12.87
C THR B 72 29.92 -6.29 13.89
N ASN B 73 29.81 -5.03 13.47
CA ASN B 73 29.72 -3.87 14.36
C ASN B 73 28.37 -3.23 14.03
N GLU B 74 27.31 -4.06 14.06
CA GLU B 74 25.90 -3.66 13.93
C GLU B 74 25.57 -3.22 12.50
N ASN B 75 25.91 -4.08 11.54
CA ASN B 75 25.75 -3.72 10.13
C ASN B 75 25.51 -4.95 9.28
N THR B 76 24.62 -4.83 8.30
CA THR B 76 24.44 -5.85 7.29
C THR B 76 23.96 -5.13 6.04
N VAL B 77 24.34 -5.68 4.88
CA VAL B 77 24.33 -4.95 3.62
C VAL B 77 23.77 -5.85 2.53
N THR B 78 23.06 -5.25 1.58
CA THR B 78 22.58 -5.95 0.40
C THR B 78 23.01 -5.18 -0.84
N LEU B 79 23.82 -5.82 -1.66
CA LEU B 79 24.22 -5.29 -2.96
C LEU B 79 23.44 -6.02 -4.04
N LYS B 80 22.87 -5.27 -4.98
CA LYS B 80 22.13 -5.85 -6.11
C LYS B 80 22.43 -5.04 -7.36
N MET B 81 22.96 -5.70 -8.38
CA MET B 81 23.25 -5.10 -9.67
C MET B 81 22.33 -5.71 -10.73
N THR B 82 22.53 -5.27 -11.97
CA THR B 82 21.56 -5.52 -13.05
C THR B 82 20.21 -4.90 -12.72
N SER B 83 20.21 -3.71 -12.12
CA SER B 83 18.97 -3.12 -11.65
C SER B 83 17.96 -3.03 -12.78
N LEU B 84 16.83 -3.71 -12.63
CA LEU B 84 15.76 -3.70 -13.61
C LEU B 84 14.71 -2.68 -13.18
N THR B 85 14.50 -1.66 -14.01
CA THR B 85 13.45 -0.67 -13.79
C THR B 85 12.18 -1.35 -13.30
N ALA B 86 11.67 -2.29 -14.09
CA ALA B 86 10.44 -2.98 -13.74
C ALA B 86 10.55 -3.60 -12.36
N ALA B 87 11.30 -4.71 -12.26
CA ALA B 87 11.11 -5.64 -11.16
C ALA B 87 11.60 -5.07 -9.83
N ASP B 88 12.74 -4.38 -9.83
CA ASP B 88 13.39 -4.06 -8.56
C ASP B 88 12.78 -2.86 -7.85
N THR B 89 11.89 -2.11 -8.49
CA THR B 89 11.22 -1.01 -7.80
C THR B 89 10.30 -1.56 -6.72
N ALA B 90 10.56 -1.20 -5.47
CA ALA B 90 9.77 -1.74 -4.37
C ALA B 90 10.27 -1.20 -3.04
N THR B 91 9.50 -1.55 -2.00
CA THR B 91 9.86 -1.33 -0.61
C THR B 91 10.73 -2.49 -0.13
N TYR B 92 11.91 -2.17 0.39
CA TYR B 92 12.86 -3.17 0.87
C TYR B 92 12.88 -3.19 2.40
N PHE B 93 12.62 -4.37 2.95
CA PHE B 93 12.61 -4.59 4.39
C PHE B 93 13.81 -5.41 4.81
N CYS B 94 14.36 -5.11 5.99
CA CYS B 94 15.30 -6.00 6.68
C CYS B 94 14.64 -6.43 7.99
N ALA B 95 14.74 -7.72 8.32
CA ALA B 95 14.13 -8.24 9.53
C ALA B 95 15.09 -9.15 10.28
N ARG B 96 15.16 -8.96 11.59
CA ARG B 96 15.69 -9.98 12.48
C ARG B 96 14.63 -11.07 12.61
N ASP B 97 14.96 -12.31 12.24
CA ASP B 97 13.98 -13.38 12.37
C ASP B 97 14.69 -14.65 12.80
N SER B 98 14.08 -15.34 13.76
CA SER B 98 14.59 -16.62 14.28
C SER B 98 13.59 -17.69 13.88
N ALA B 99 14.04 -18.67 13.10
CA ALA B 99 13.14 -19.75 12.73
C ALA B 99 12.66 -20.54 13.94
N THR B 100 13.39 -20.46 15.07
CA THR B 100 13.16 -21.35 16.19
C THR B 100 12.97 -20.64 17.52
N THR B 101 13.11 -19.32 17.57
CA THR B 101 12.87 -18.56 18.79
C THR B 101 11.91 -17.41 18.50
N ASP B 102 11.25 -16.95 19.57
CA ASP B 102 10.28 -15.86 19.52
C ASP B 102 11.00 -14.50 19.54
N SER B 103 11.86 -14.32 18.54
CA SER B 103 12.55 -13.07 18.30
C SER B 103 12.38 -12.73 16.82
N ASN B 104 11.66 -11.65 16.54
CA ASN B 104 11.34 -11.30 15.16
C ASN B 104 10.81 -9.88 15.10
N ILE B 105 11.49 -8.99 14.37
CA ILE B 105 10.91 -7.69 14.09
C ILE B 105 11.38 -7.23 12.72
N TRP B 106 10.52 -6.47 12.05
CA TRP B 106 10.87 -5.89 10.76
C TRP B 106 11.09 -4.40 10.91
N GLY B 107 11.90 -3.86 10.02
CA GLY B 107 12.08 -2.44 9.93
C GLY B 107 10.90 -1.78 9.25
N PRO B 108 10.92 -0.45 9.23
CA PRO B 108 9.84 0.29 8.54
C PRO B 108 9.85 0.12 7.03
N GLY B 109 10.98 -0.22 6.44
CA GLY B 109 11.06 -0.30 5.00
C GLY B 109 11.62 0.98 4.40
N THR B 110 12.21 0.85 3.21
CA THR B 110 12.78 1.97 2.47
C THR B 110 12.41 1.82 1.00
N LEU B 111 11.94 2.92 0.41
CA LEU B 111 11.55 2.90 -1.00
C LEU B 111 12.77 2.84 -1.89
N VAL B 112 12.72 1.99 -2.91
CA VAL B 112 13.73 1.94 -3.95
C VAL B 112 13.01 2.02 -5.29
N THR B 113 13.50 2.90 -6.17
CA THR B 113 12.93 3.09 -7.49
C THR B 113 14.04 3.09 -8.51
N VAL B 114 13.86 2.32 -9.58
CA VAL B 114 14.81 2.21 -10.68
C VAL B 114 14.19 2.86 -11.89
N SER B 115 14.83 3.91 -12.40
CA SER B 115 14.27 4.69 -13.50
C SER B 115 15.33 5.63 -14.04
N SER B 116 15.38 5.75 -15.37
CA SER B 116 16.20 6.81 -15.95
C SER B 116 15.61 8.20 -15.73
N ALA B 117 14.34 8.29 -15.32
CA ALA B 117 13.75 9.58 -14.97
C ALA B 117 14.46 10.15 -13.74
N SER B 118 14.24 11.45 -13.51
CA SER B 118 14.90 12.19 -12.45
C SER B 118 13.88 12.78 -11.51
N THR B 119 14.37 13.21 -10.34
CA THR B 119 13.51 13.74 -9.29
C THR B 119 12.72 14.96 -9.77
N LYS B 120 11.44 14.99 -9.39
CA LYS B 120 10.60 16.17 -9.61
C LYS B 120 9.73 16.41 -8.39
N GLY B 121 9.66 17.66 -7.98
CA GLY B 121 8.83 18.06 -6.87
C GLY B 121 7.37 18.15 -7.27
N PRO B 122 6.48 18.05 -6.28
CA PRO B 122 5.05 17.98 -6.61
C PRO B 122 4.39 19.35 -6.75
N SER B 123 3.29 19.35 -7.48
CA SER B 123 2.37 20.48 -7.59
C SER B 123 1.10 20.15 -6.83
N VAL B 124 0.65 21.06 -5.98
CA VAL B 124 -0.47 20.83 -5.08
C VAL B 124 -1.64 21.70 -5.51
N PHE B 125 -2.73 21.08 -5.91
CA PHE B 125 -3.92 21.75 -6.36
C PHE B 125 -5.10 21.47 -5.44
N PRO B 126 -5.94 22.47 -5.18
CA PRO B 126 -7.06 22.27 -4.25
C PRO B 126 -8.16 21.47 -4.90
N LEU B 127 -8.89 20.72 -4.07
CA LEU B 127 -10.18 20.15 -4.42
C LEU B 127 -11.20 20.92 -3.59
N ALA B 128 -11.52 22.13 -4.06
CA ALA B 128 -12.42 23.00 -3.33
C ALA B 128 -13.78 22.32 -3.17
N PRO B 129 -14.42 22.47 -2.02
CA PRO B 129 -15.79 21.96 -1.86
C PRO B 129 -16.80 22.88 -2.54
N SER B 130 -17.89 22.28 -3.01
CA SER B 130 -18.94 23.05 -3.67
C SER B 130 -20.22 22.28 -3.50
N SER B 131 -21.31 22.68 -4.19
CA SER B 131 -22.56 21.90 -4.14
C SER B 131 -22.39 20.48 -4.72
N LYS B 132 -21.47 20.31 -5.66
CA LYS B 132 -21.15 18.99 -6.19
C LYS B 132 -20.26 18.18 -5.25
N SER B 133 -19.91 18.76 -4.10
CA SER B 133 -19.15 18.05 -3.07
C SER B 133 -19.83 18.11 -1.71
N THR B 134 -21.09 18.55 -1.65
CA THR B 134 -21.83 18.56 -0.40
C THR B 134 -22.95 17.53 -0.44
N SER B 135 -23.39 17.12 0.76
CA SER B 135 -24.47 16.15 0.95
C SER B 135 -25.20 16.57 2.24
N GLY B 136 -25.91 17.69 2.17
CA GLY B 136 -26.56 18.19 3.36
C GLY B 136 -25.57 18.68 4.40
N GLY B 137 -25.33 17.86 5.43
CA GLY B 137 -24.45 18.25 6.51
C GLY B 137 -22.97 18.10 6.25
N THR B 138 -22.58 17.23 5.32
CA THR B 138 -21.18 16.93 5.07
C THR B 138 -20.72 17.57 3.77
N ALA B 139 -19.44 17.93 3.73
CA ALA B 139 -18.81 18.46 2.53
C ALA B 139 -17.41 17.88 2.37
N ALA B 140 -17.03 17.59 1.14
CA ALA B 140 -15.73 17.02 0.83
C ALA B 140 -14.83 18.07 0.21
N LEU B 141 -13.57 18.06 0.64
CA LEU B 141 -12.51 18.87 0.06
C LEU B 141 -11.25 18.02 0.02
N GLY B 142 -10.18 18.55 -0.55
CA GLY B 142 -8.96 17.78 -0.58
C GLY B 142 -7.86 18.44 -1.36
N CYS B 143 -6.85 17.63 -1.60
CA CYS B 143 -5.64 18.00 -2.31
C CYS B 143 -5.37 17.06 -3.46
N LEU B 144 -5.00 17.62 -4.58
CA LEU B 144 -4.43 16.87 -5.68
C LEU B 144 -2.93 17.16 -5.69
N VAL B 145 -2.14 16.13 -5.40
CA VAL B 145 -0.67 16.22 -5.40
C VAL B 145 -0.21 15.56 -6.69
N LYS B 146 0.11 16.38 -7.68
CA LYS B 146 0.31 15.88 -9.04
C LYS B 146 1.76 16.01 -9.48
N ASP B 147 2.20 15.03 -10.27
CA ASP B 147 3.42 15.13 -11.04
C ASP B 147 4.68 15.25 -10.21
N TYR B 148 4.97 14.21 -9.45
CA TYR B 148 6.17 14.18 -8.62
C TYR B 148 6.84 12.82 -8.75
N PHE B 149 8.09 12.76 -8.32
CA PHE B 149 8.92 11.59 -8.54
C PHE B 149 10.25 11.73 -7.79
N PRO B 150 10.70 10.66 -7.10
CA PRO B 150 9.96 9.41 -6.94
C PRO B 150 9.06 9.49 -5.71
N GLU B 151 8.39 8.39 -5.39
CA GLU B 151 7.73 8.27 -4.11
C GLU B 151 8.76 8.35 -2.99
N PRO B 152 8.33 8.73 -1.77
CA PRO B 152 6.93 9.04 -1.46
C PRO B 152 6.66 10.50 -1.11
N VAL B 153 5.41 10.77 -0.73
CA VAL B 153 4.95 12.09 -0.32
C VAL B 153 3.99 11.90 0.84
N THR B 154 4.18 12.66 1.92
CA THR B 154 3.29 12.60 3.07
C THR B 154 2.34 13.79 3.07
N VAL B 155 1.12 13.58 3.55
CA VAL B 155 0.06 14.58 3.50
C VAL B 155 -0.59 14.68 4.87
N SER B 156 -0.59 15.89 5.43
CA SER B 156 -1.28 16.18 6.68
C SER B 156 -2.37 17.22 6.44
N TRP B 157 -3.23 17.38 7.43
CA TRP B 157 -4.31 18.37 7.39
C TRP B 157 -4.29 19.19 8.65
N ASN B 158 -4.24 20.51 8.50
CA ASN B 158 -4.14 21.42 9.63
C ASN B 158 -3.04 20.96 10.57
N SER B 159 -1.92 20.52 9.98
CA SER B 159 -0.75 20.12 10.74
C SER B 159 -1.10 19.02 11.74
N GLY B 160 -1.83 18.02 11.24
CA GLY B 160 -2.16 16.85 12.00
C GLY B 160 -3.33 17.00 12.96
N ALA B 161 -3.95 18.17 13.05
CA ALA B 161 -5.09 18.36 13.93
C ALA B 161 -6.36 17.74 13.38
N LEU B 162 -6.35 17.30 12.12
CA LEU B 162 -7.48 16.65 11.47
C LEU B 162 -7.04 15.28 11.01
N THR B 163 -7.60 14.25 11.60
CA THR B 163 -7.31 12.88 11.16
C THR B 163 -8.58 12.09 10.88
N SER B 164 -9.63 12.29 11.66
CA SER B 164 -10.88 11.58 11.42
C SER B 164 -11.51 12.11 10.14
N GLY B 165 -11.89 11.18 9.25
CA GLY B 165 -12.48 11.54 7.98
C GLY B 165 -11.50 11.65 6.83
N VAL B 166 -10.20 11.57 7.11
CA VAL B 166 -9.18 11.78 6.08
C VAL B 166 -8.92 10.46 5.35
N HIS B 167 -8.97 10.52 4.03
CA HIS B 167 -8.55 9.39 3.20
C HIS B 167 -7.44 9.85 2.28
N THR B 168 -6.24 9.33 2.46
CA THR B 168 -5.14 9.54 1.55
C THR B 168 -4.95 8.27 0.74
N PHE B 169 -5.05 8.39 -0.58
CA PHE B 169 -5.12 7.22 -1.43
C PHE B 169 -3.72 6.79 -1.88
N PRO B 170 -3.56 5.53 -2.29
CA PRO B 170 -2.26 5.10 -2.81
C PRO B 170 -1.92 5.83 -4.10
N ALA B 171 -0.66 6.27 -4.20
CA ALA B 171 -0.23 7.01 -5.37
C ALA B 171 -0.33 6.14 -6.61
N VAL B 172 -0.65 6.78 -7.73
CA VAL B 172 -0.80 6.08 -9.00
C VAL B 172 0.21 6.68 -9.98
N LEU B 173 0.73 5.83 -10.86
CA LEU B 173 1.77 6.20 -11.80
C LEU B 173 1.11 6.50 -13.14
N GLN B 174 1.34 7.70 -13.65
CA GLN B 174 0.59 8.18 -14.78
C GLN B 174 1.28 7.77 -16.07
N SER B 175 0.55 7.93 -17.17
CA SER B 175 1.12 7.65 -18.47
C SER B 175 2.37 8.46 -18.72
N SER B 176 2.58 9.56 -17.99
CA SER B 176 3.76 10.41 -18.15
C SER B 176 4.95 9.92 -17.33
N GLY B 177 4.81 8.83 -16.58
CA GLY B 177 5.87 8.34 -15.74
C GLY B 177 5.97 9.02 -14.39
N LEU B 178 5.16 10.04 -14.12
CA LEU B 178 5.14 10.70 -12.83
C LEU B 178 4.04 10.12 -11.95
N TYR B 179 4.14 10.37 -10.66
CA TYR B 179 3.14 9.92 -9.70
C TYR B 179 2.09 11.01 -9.45
N SER B 180 0.93 10.57 -9.02
CA SER B 180 -0.13 11.49 -8.63
C SER B 180 -0.82 10.92 -7.40
N LEU B 181 -1.33 11.82 -6.57
CA LEU B 181 -1.93 11.44 -5.30
C LEU B 181 -3.07 12.38 -4.96
N SER B 182 -4.02 11.85 -4.21
CA SER B 182 -5.21 12.58 -3.81
C SER B 182 -5.40 12.38 -2.32
N SER B 183 -5.63 13.47 -1.60
CA SER B 183 -5.99 13.39 -0.18
C SER B 183 -7.28 14.16 0.03
N VAL B 184 -8.26 13.50 0.64
CA VAL B 184 -9.58 14.09 0.82
C VAL B 184 -10.01 13.95 2.28
N VAL B 185 -10.91 14.84 2.68
CA VAL B 185 -11.45 14.84 4.03
C VAL B 185 -12.87 15.38 3.96
N THR B 186 -13.78 14.70 4.62
CA THR B 186 -15.12 15.20 4.85
C THR B 186 -15.13 16.08 6.10
N VAL B 187 -15.71 17.26 5.96
CA VAL B 187 -15.82 18.19 7.09
C VAL B 187 -17.27 18.66 7.19
N PRO B 188 -17.66 19.29 8.29
CA PRO B 188 -19.04 19.84 8.39
C PRO B 188 -19.21 21.03 7.45
N SER B 189 -20.28 21.00 6.63
CA SER B 189 -20.44 22.03 5.61
C SER B 189 -20.74 23.39 6.23
N SER B 190 -21.40 23.43 7.39
CA SER B 190 -21.63 24.70 8.06
C SER B 190 -20.32 25.34 8.52
N SER B 191 -19.26 24.54 8.72
CA SER B 191 -17.99 25.04 9.22
C SER B 191 -17.18 25.75 8.14
N LEU B 192 -17.51 25.56 6.87
CA LEU B 192 -16.77 26.20 5.80
C LEU B 192 -16.94 27.71 5.89
N GLY B 193 -15.88 28.44 5.57
CA GLY B 193 -15.87 29.88 5.63
C GLY B 193 -15.35 30.45 6.93
N THR B 194 -15.55 29.74 8.04
CA THR B 194 -15.00 30.12 9.34
C THR B 194 -13.83 29.25 9.77
N GLN B 195 -13.86 27.96 9.43
CA GLN B 195 -12.77 27.03 9.75
C GLN B 195 -11.87 26.86 8.53
N THR B 196 -10.57 27.04 8.74
CA THR B 196 -9.58 26.97 7.67
C THR B 196 -9.03 25.56 7.56
N TYR B 197 -8.80 25.13 6.33
CA TYR B 197 -8.31 23.77 6.07
C TYR B 197 -7.06 23.85 5.23
N ILE B 198 -5.93 23.45 5.80
CA ILE B 198 -4.63 23.60 5.16
C ILE B 198 -4.02 22.22 4.98
N CYS B 199 -3.56 21.98 3.77
CA CYS B 199 -2.98 20.73 3.32
C CYS B 199 -1.48 20.84 3.41
N ASN B 200 -0.86 20.02 4.25
CA ASN B 200 0.59 20.03 4.45
C ASN B 200 1.20 18.87 3.67
N VAL B 201 1.96 19.21 2.64
CA VAL B 201 2.58 18.22 1.78
C VAL B 201 4.08 18.28 1.99
N ASN B 202 4.68 17.11 2.23
CA ASN B 202 6.12 16.98 2.35
C ASN B 202 6.58 15.91 1.37
N HIS B 203 7.58 16.26 0.54
CA HIS B 203 8.15 15.35 -0.46
C HIS B 203 9.66 15.35 -0.26
N LYS B 204 10.11 14.60 0.74
CA LYS B 204 11.52 14.67 1.14
C LYS B 204 12.50 14.43 0.00
N PRO B 205 12.22 13.57 -0.99
CA PRO B 205 13.23 13.35 -2.05
C PRO B 205 13.65 14.61 -2.78
N SER B 206 12.72 15.53 -3.04
CA SER B 206 13.00 16.82 -3.67
C SER B 206 13.08 17.95 -2.65
N ASN B 207 13.02 17.62 -1.37
CA ASN B 207 13.08 18.57 -0.25
C ASN B 207 12.22 19.80 -0.51
N THR B 208 10.92 19.55 -0.62
CA THR B 208 9.95 20.62 -0.71
C THR B 208 8.83 20.40 0.31
N LYS B 209 8.30 21.51 0.83
CA LYS B 209 7.13 21.51 1.69
C LYS B 209 6.14 22.55 1.15
N VAL B 210 4.87 22.17 1.11
CA VAL B 210 3.83 23.06 0.63
C VAL B 210 2.69 23.06 1.62
N ASP B 211 1.94 24.17 1.66
CA ASP B 211 0.76 24.29 2.51
C ASP B 211 -0.29 25.06 1.70
N LYS B 212 -1.12 24.32 0.96
CA LYS B 212 -2.17 24.93 0.16
C LYS B 212 -3.42 25.11 1.03
N LYS B 213 -3.96 26.33 1.03
CA LYS B 213 -5.26 26.58 1.63
C LYS B 213 -6.35 26.07 0.69
N VAL B 214 -7.25 25.24 1.20
CA VAL B 214 -8.37 24.74 0.42
C VAL B 214 -9.59 25.58 0.78
N GLU B 215 -10.00 26.46 -0.12
CA GLU B 215 -11.09 27.39 0.09
C GLU B 215 -12.30 27.01 -0.75
N PRO B 216 -13.50 27.39 -0.30
CA PRO B 216 -14.71 27.10 -1.08
C PRO B 216 -14.72 27.84 -2.41
N LYS B 217 -15.51 27.31 -3.35
CA LYS B 217 -15.62 27.88 -4.69
C LYS B 217 -17.10 28.02 -5.09
CL CL C . 9.45 -15.24 -2.03
#